data_4EVX
#
_entry.id   4EVX
#
_cell.length_a   54.400
_cell.length_b   54.400
_cell.length_c   261.090
_cell.angle_alpha   90.00
_cell.angle_beta   90.00
_cell.angle_gamma   120.00
#
_symmetry.space_group_name_H-M   'P 61 2 2'
#
loop_
_entity.id
_entity.type
_entity.pdbx_description
1 polymer 'Putative phage endolysin'
2 water water
#
_entity_poly.entity_id   1
_entity_poly.type   'polypeptide(L)'
_entity_poly.pdbx_seq_one_letter_code
;SNASSRFSSA(CSO)IAFI(MLY)QWQGLSLE(MLY)YRDRQGNWVIGYGH(MSE)LTPDETLTFITPDQAEAFLLDDLN
SCDILLQNCLPELNDRFQRETLIAL(MSE)FSIGHQRFLSLINTGD
;
_entity_poly.pdbx_strand_id   A,B
#
# COMPACT_ATOMS: atom_id res chain seq x y z
N ARG A 6 17.24 2.27 4.67
CA ARG A 6 16.63 0.95 4.86
C ARG A 6 16.22 0.36 3.53
N PHE A 7 15.76 1.18 2.57
CA PHE A 7 15.54 0.61 1.24
C PHE A 7 16.88 0.25 0.59
N SER A 8 16.89 -0.79 -0.25
CA SER A 8 18.10 -1.16 -0.99
C SER A 8 18.50 -0.06 -1.96
N SER A 9 19.79 0.12 -2.15
CA SER A 9 20.28 1.09 -3.12
C SER A 9 19.76 0.70 -4.53
N ALA A 10 19.62 -0.60 -4.81
CA ALA A 10 19.10 -1.02 -6.12
C ALA A 10 17.66 -0.60 -6.31
N CSO A 11 16.82 -0.64 -5.26
CA CSO A 11 15.41 -0.24 -5.37
CB CSO A 11 14.74 -0.52 -4.11
SG CSO A 11 13.07 0.21 -3.98
C CSO A 11 15.39 1.28 -5.66
O CSO A 11 14.62 1.72 -6.51
OD CSO A 11 12.33 -0.36 -5.16
N ILE A 12 16.20 2.04 -4.93
CA ILE A 12 16.25 3.49 -5.12
C ILE A 12 16.73 3.86 -6.55
N ALA A 13 17.74 3.16 -7.07
CA ALA A 13 18.28 3.38 -8.43
C ALA A 13 17.28 3.00 -9.51
N PHE A 14 16.48 1.98 -9.27
CA PHE A 14 15.43 1.51 -10.19
C PHE A 14 14.36 2.61 -10.31
N ILE A 15 13.92 3.18 -9.20
CA ILE A 15 12.90 4.23 -9.24
C ILE A 15 13.51 5.46 -9.92
N MLY A 16 14.81 5.77 -9.66
CA MLY A 16 15.49 6.92 -10.31
CB MLY A 16 16.59 7.40 -9.37
CG MLY A 16 16.12 7.90 -8.00
CD MLY A 16 17.12 8.33 -6.90
CE MLY A 16 18.44 8.82 -7.38
NZ MLY A 16 19.37 9.36 -6.42
CH1 MLY A 16 20.06 8.29 -5.70
CH2 MLY A 16 20.34 10.19 -7.14
C MLY A 16 15.89 6.67 -11.81
O MLY A 16 16.13 7.62 -12.56
N GLN A 17 15.89 5.42 -12.27
CA GLN A 17 16.08 5.08 -13.67
C GLN A 17 14.91 5.67 -14.47
N TRP A 18 13.70 5.73 -13.84
CA TRP A 18 12.47 6.03 -14.53
C TRP A 18 11.74 7.27 -14.11
N GLN A 19 11.89 7.68 -12.86
CA GLN A 19 11.25 8.90 -12.37
C GLN A 19 12.20 10.08 -12.56
N GLY A 20 11.76 11.06 -13.31
CA GLY A 20 12.56 12.26 -13.52
C GLY A 20 12.62 13.10 -12.29
N LEU A 21 13.61 13.95 -12.22
CA LEU A 21 13.82 14.88 -11.15
C LEU A 21 13.39 16.24 -11.60
N SER A 22 12.59 16.93 -10.79
CA SER A 22 12.20 18.30 -11.03
C SER A 22 12.62 19.10 -9.86
N LEU A 23 13.43 20.15 -10.04
CA LEU A 23 13.87 20.96 -8.89
C LEU A 23 12.91 22.08 -8.62
N GLU A 24 11.98 22.31 -9.56
CA GLU A 24 10.92 23.29 -9.42
C GLU A 24 9.57 22.60 -9.38
N MLY A 25 8.69 23.09 -8.53
CA MLY A 25 7.36 22.50 -8.41
CB MLY A 25 6.58 23.01 -7.23
CG MLY A 25 6.07 24.44 -7.28
CD MLY A 25 5.24 24.83 -6.05
CE MLY A 25 4.87 26.27 -5.93
NZ MLY A 25 4.35 26.63 -4.64
CH1 MLY A 25 2.95 26.26 -4.51
CH2 MLY A 25 4.53 28.06 -4.38
C MLY A 25 6.53 22.76 -9.63
O MLY A 25 6.77 23.73 -10.36
N TYR A 26 5.56 21.85 -9.88
CA TYR A 26 4.65 21.95 -11.00
C TYR A 26 3.28 21.40 -10.62
N ARG A 27 2.24 21.74 -11.40
CA ARG A 27 0.88 21.25 -11.21
C ARG A 27 0.71 20.01 -12.04
N ASP A 28 0.24 18.94 -11.44
CA ASP A 28 0.06 17.69 -12.20
C ASP A 28 -1.32 17.76 -12.92
N ARG A 29 -1.77 16.66 -13.58
CA ARG A 29 -3.03 16.70 -14.31
C ARG A 29 -4.21 17.03 -13.39
N GLN A 30 -4.18 16.59 -12.16
CA GLN A 30 -5.27 16.84 -11.21
C GLN A 30 -5.10 18.20 -10.49
N GLY A 31 -4.15 19.04 -10.89
CA GLY A 31 -3.94 20.33 -10.26
C GLY A 31 -3.22 20.32 -8.92
N ASN A 32 -2.57 19.20 -8.55
CA ASN A 32 -1.84 19.14 -7.29
C ASN A 32 -0.43 19.56 -7.54
N TRP A 33 0.22 20.17 -6.55
CA TRP A 33 1.62 20.57 -6.69
C TRP A 33 2.54 19.38 -6.44
N VAL A 34 3.52 19.18 -7.31
CA VAL A 34 4.49 18.09 -7.22
C VAL A 34 5.88 18.66 -7.41
N ILE A 35 6.87 18.03 -6.82
CA ILE A 35 8.28 18.41 -6.93
C ILE A 35 9.19 17.22 -6.71
N GLY A 36 10.45 17.35 -7.10
CA GLY A 36 11.44 16.31 -6.86
C GLY A 36 11.18 15.09 -7.71
N TYR A 37 11.19 13.91 -7.06
CA TYR A 37 10.91 12.67 -7.74
C TYR A 37 9.43 12.33 -7.53
N GLY A 38 8.57 13.18 -8.06
CA GLY A 38 7.14 12.93 -7.98
C GLY A 38 6.58 13.11 -6.59
N HIS A 39 7.25 13.89 -5.75
CA HIS A 39 6.74 14.14 -4.39
C HIS A 39 5.54 15.12 -4.34
N MSE A 40 4.40 14.70 -3.80
N MSE A 40 4.43 14.68 -3.68
CA MSE A 40 3.29 15.63 -3.72
CA MSE A 40 3.23 15.51 -3.50
C MSE A 40 3.46 16.54 -2.49
C MSE A 40 3.49 16.54 -2.40
O MSE A 40 3.56 16.07 -1.37
O MSE A 40 3.66 16.16 -1.26
CB MSE A 40 1.94 14.91 -3.70
CB MSE A 40 1.99 14.63 -3.10
CG MSE A 40 0.83 15.85 -4.11
CG MSE A 40 1.67 13.48 -4.04
SE MSE A 40 -0.84 15.10 -3.69
SE MSE A 40 1.18 13.98 -5.82
CE MSE A 40 -0.83 13.69 -4.86
CE MSE A 40 2.64 13.16 -6.66
N LEU A 41 3.48 17.85 -2.70
CA LEU A 41 3.65 18.81 -1.63
C LEU A 41 2.37 18.90 -0.79
N THR A 42 2.48 19.22 0.50
CA THR A 42 1.29 19.34 1.37
C THR A 42 0.56 20.65 0.99
N PRO A 43 -0.72 20.83 1.42
CA PRO A 43 -1.45 22.06 1.03
C PRO A 43 -0.80 23.41 1.34
N ASP A 44 -0.20 23.56 2.51
CA ASP A 44 0.36 24.86 2.93
C ASP A 44 1.80 25.10 2.51
N GLU A 45 2.48 24.12 1.91
CA GLU A 45 3.90 24.31 1.61
C GLU A 45 4.17 25.47 0.67
N THR A 46 5.11 26.30 1.09
CA THR A 46 5.42 27.52 0.37
C THR A 46 6.57 27.40 -0.61
N LEU A 47 7.37 26.34 -0.55
CA LEU A 47 8.53 26.24 -1.43
C LEU A 47 8.15 26.15 -2.89
N THR A 48 9.01 26.66 -3.74
CA THR A 48 8.89 26.58 -5.18
C THR A 48 10.02 25.75 -5.76
N PHE A 49 11.22 25.92 -5.21
CA PHE A 49 12.41 25.21 -5.65
C PHE A 49 12.99 24.39 -4.51
N ILE A 50 13.67 23.30 -4.85
CA ILE A 50 14.43 22.48 -3.92
C ILE A 50 15.73 22.09 -4.55
N THR A 51 16.63 21.61 -3.71
CA THR A 51 17.93 21.06 -4.12
C THR A 51 17.83 19.56 -4.40
N PRO A 52 18.81 18.97 -5.11
CA PRO A 52 18.78 17.52 -5.34
C PRO A 52 18.74 16.73 -4.01
N ASP A 53 19.51 17.15 -2.96
CA ASP A 53 19.48 16.45 -1.65
C ASP A 53 18.12 16.57 -1.04
N GLN A 54 17.43 17.74 -1.16
CA GLN A 54 16.06 17.84 -0.63
C GLN A 54 15.15 16.89 -1.39
N ALA A 55 15.33 16.75 -2.72
CA ALA A 55 14.50 15.83 -3.49
C ALA A 55 14.75 14.38 -3.07
N GLU A 56 16.01 14.05 -2.80
CA GLU A 56 16.34 12.68 -2.36
C GLU A 56 15.66 12.38 -1.04
N ALA A 57 15.69 13.31 -0.08
CA ALA A 57 15.03 13.11 1.21
C ALA A 57 13.52 12.93 1.05
N PHE A 58 12.89 13.70 0.18
CA PHE A 58 11.46 13.48 -0.05
C PHE A 58 11.15 12.12 -0.68
N LEU A 59 12.05 11.61 -1.54
CA LEU A 59 11.85 10.28 -2.12
C LEU A 59 11.94 9.23 -1.02
N LEU A 60 12.95 9.32 -0.15
CA LEU A 60 13.05 8.36 0.96
C LEU A 60 11.87 8.49 1.86
N ASP A 61 11.38 9.73 2.12
CA ASP A 61 10.20 9.91 2.99
C ASP A 61 8.98 9.19 2.40
N ASP A 62 8.72 9.37 1.09
CA ASP A 62 7.60 8.76 0.40
C ASP A 62 7.74 7.24 0.41
N LEU A 63 8.94 6.74 0.15
CA LEU A 63 9.09 5.25 0.12
C LEU A 63 8.88 4.63 1.51
N ASN A 64 9.42 5.26 2.53
CA ASN A 64 9.29 4.73 3.88
C ASN A 64 7.86 4.89 4.39
N SER A 65 7.14 5.93 4.02
CA SER A 65 5.75 6.06 4.42
C SER A 65 4.94 4.94 3.83
N CYS A 66 5.15 4.65 2.57
CA CYS A 66 4.42 3.57 1.96
CA CYS A 66 4.48 3.55 1.89
C CYS A 66 4.82 2.23 2.58
N ASP A 67 6.10 2.06 2.93
CA ASP A 67 6.50 0.83 3.62
C ASP A 67 5.81 0.63 4.95
N ILE A 68 5.67 1.70 5.75
CA ILE A 68 5.03 1.58 7.06
C ILE A 68 3.53 1.21 6.90
N LEU A 69 2.88 1.85 5.90
CA LEU A 69 1.47 1.57 5.68
C LEU A 69 1.28 0.22 5.00
N LEU A 70 2.26 -0.26 4.26
CA LEU A 70 2.12 -1.58 3.62
C LEU A 70 2.14 -2.62 4.65
N GLN A 71 3.04 -2.43 5.62
CA GLN A 71 3.21 -3.34 6.74
C GLN A 71 1.93 -3.54 7.39
N ASN A 72 1.20 -2.46 7.52
CA ASN A 72 -0.06 -2.62 8.20
C ASN A 72 -1.16 -3.26 7.38
N CYS A 73 -1.17 -3.25 5.99
CA CYS A 73 -2.06 -3.94 4.99
C CYS A 73 -1.68 -5.44 4.78
N LEU A 74 -0.36 -5.74 4.87
CA LEU A 74 0.22 -7.07 4.63
C LEU A 74 1.02 -7.43 5.88
N PRO A 75 0.35 -7.59 7.03
CA PRO A 75 1.05 -7.79 8.29
C PRO A 75 1.99 -9.01 8.38
N GLU A 76 1.75 -10.01 7.58
CA GLU A 76 2.58 -11.21 7.60
C GLU A 76 3.68 -11.17 6.56
N LEU A 77 3.72 -10.12 5.69
CA LEU A 77 4.67 -10.10 4.62
C LEU A 77 6.00 -9.65 5.17
N ASN A 78 6.93 -10.60 5.26
CA ASN A 78 8.27 -10.32 5.74
C ASN A 78 9.32 -10.31 4.61
N ASP A 79 9.02 -10.79 3.37
CA ASP A 79 10.03 -10.88 2.31
C ASP A 79 10.31 -9.47 1.82
N ARG A 80 11.49 -8.91 2.12
CA ARG A 80 11.81 -7.54 1.75
C ARG A 80 11.81 -7.32 0.25
N PHE A 81 12.09 -8.35 -0.53
CA PHE A 81 12.03 -8.21 -1.98
C PHE A 81 10.61 -7.92 -2.44
N GLN A 82 9.68 -8.70 -1.94
CA GLN A 82 8.26 -8.48 -2.28
C GLN A 82 7.78 -7.11 -1.73
N ARG A 83 8.21 -6.66 -0.54
CA ARG A 83 7.86 -5.32 -0.09
C ARG A 83 8.38 -4.25 -1.06
N GLU A 84 9.65 -4.37 -1.47
CA GLU A 84 10.24 -3.37 -2.35
C GLU A 84 9.55 -3.41 -3.73
N THR A 85 9.26 -4.58 -4.25
CA THR A 85 8.59 -4.62 -5.57
C THR A 85 7.18 -4.05 -5.53
N LEU A 86 6.48 -4.29 -4.46
CA LEU A 86 5.14 -3.73 -4.30
C LEU A 86 5.21 -2.22 -4.21
N ILE A 87 6.13 -1.71 -3.44
CA ILE A 87 6.35 -0.29 -3.35
C ILE A 87 6.74 0.32 -4.72
N ALA A 88 7.65 -0.31 -5.48
CA ALA A 88 8.02 0.23 -6.78
C ALA A 88 6.81 0.20 -7.70
N LEU A 89 6.03 -0.88 -7.68
CA LEU A 89 4.82 -0.96 -8.48
C LEU A 89 3.85 0.18 -8.16
N MSE A 90 3.55 0.35 -6.87
CA MSE A 90 2.64 1.46 -6.51
C MSE A 90 3.23 2.81 -6.97
O MSE A 90 2.48 3.69 -7.46
CB MSE A 90 2.38 1.44 -5.01
CG MSE A 90 1.49 0.31 -4.59
SE MSE A 90 1.05 0.45 -2.70
CE MSE A 90 2.57 -0.10 -2.09
N PHE A 91 4.56 3.00 -6.82
CA PHE A 91 5.20 4.26 -7.21
C PHE A 91 4.97 4.50 -8.71
N SER A 92 5.12 3.43 -9.54
CA SER A 92 4.92 3.60 -10.97
C SER A 92 3.49 3.84 -11.39
N ILE A 93 2.54 3.27 -10.68
CA ILE A 93 1.11 3.48 -10.96
C ILE A 93 0.63 4.84 -10.40
N GLY A 94 1.17 5.23 -9.25
CA GLY A 94 0.69 6.37 -8.50
C GLY A 94 1.20 7.73 -8.85
N HIS A 95 2.18 7.80 -9.75
CA HIS A 95 2.84 9.02 -10.13
C HIS A 95 2.71 9.19 -11.61
N GLN A 96 2.37 10.38 -11.99
CA GLN A 96 2.29 10.73 -13.37
C GLN A 96 3.72 11.08 -13.76
N ARG A 97 4.17 10.55 -14.88
CA ARG A 97 5.42 10.90 -15.53
C ARG A 97 5.08 11.44 -16.91
N PHE A 98 6.08 12.05 -17.52
CA PHE A 98 5.92 12.75 -18.80
C PHE A 98 6.74 12.13 -19.86
N LEU A 99 6.24 12.22 -21.09
CA LEU A 99 6.91 11.66 -22.26
C LEU A 99 8.18 12.43 -22.56
N SER A 100 9.22 11.70 -22.94
CA SER A 100 10.50 12.27 -23.33
C SER A 100 10.94 11.67 -24.66
N LEU A 101 11.04 12.50 -25.72
CA LEU A 101 11.48 12.07 -27.07
C LEU A 101 13.01 12.11 -27.26
N ILE A 102 13.82 12.09 -26.16
CA ILE A 102 15.30 12.14 -26.13
C ILE A 102 15.68 13.61 -25.92
N ARG B 6 -17.97 0.74 0.53
CA ARG B 6 -16.58 1.10 0.22
C ARG B 6 -15.99 0.18 -0.86
N PHE B 7 -16.05 -1.11 -0.65
CA PHE B 7 -15.60 -2.12 -1.62
C PHE B 7 -16.80 -2.75 -2.24
N SER B 8 -16.72 -3.14 -3.51
CA SER B 8 -17.85 -3.80 -4.15
C SER B 8 -18.11 -5.15 -3.54
N SER B 9 -19.39 -5.61 -3.59
CA SER B 9 -19.71 -6.95 -3.11
C SER B 9 -18.90 -8.03 -3.89
N ALA B 10 -18.64 -7.80 -5.18
CA ALA B 10 -17.90 -8.78 -5.97
C ALA B 10 -16.45 -8.88 -5.54
N CSO B 11 -15.82 -7.76 -5.17
CA CSO B 11 -14.44 -7.75 -4.65
CB CSO B 11 -13.99 -6.27 -4.40
SG CSO B 11 -12.42 -6.19 -3.41
C CSO B 11 -14.42 -8.54 -3.35
O CSO B 11 -13.58 -9.41 -3.19
OD CSO B 11 -11.54 -6.98 -4.39
N ILE B 12 -15.38 -8.29 -2.45
CA ILE B 12 -15.41 -9.01 -1.17
C ILE B 12 -15.62 -10.49 -1.40
N ALA B 13 -16.54 -10.86 -2.28
CA ALA B 13 -16.82 -12.26 -2.56
C ALA B 13 -15.60 -12.97 -3.13
N PHE B 14 -14.81 -12.26 -3.96
CA PHE B 14 -13.64 -12.81 -4.57
C PHE B 14 -12.63 -13.14 -3.50
N ILE B 15 -12.46 -12.26 -2.51
CA ILE B 15 -11.54 -12.51 -1.43
C ILE B 15 -12.09 -13.71 -0.59
N MLY B 16 -13.40 -13.78 -0.30
CA MLY B 16 -13.94 -14.95 0.43
CB MLY B 16 -15.35 -14.68 0.82
CG MLY B 16 -15.58 -13.52 1.75
CD MLY B 16 -17.07 -13.50 2.13
CE MLY B 16 -17.48 -12.35 2.95
NZ MLY B 16 -18.89 -12.18 3.26
CH1 MLY B 16 -19.69 -11.53 2.26
CH2 MLY B 16 -19.52 -13.40 3.70
C MLY B 16 -13.96 -16.27 -0.31
O MLY B 16 -13.99 -17.32 0.32
N GLN B 17 -14.01 -16.26 -1.63
CA GLN B 17 -13.93 -17.48 -2.43
C GLN B 17 -12.64 -18.21 -2.05
N TRP B 18 -11.53 -17.45 -1.84
CA TRP B 18 -10.24 -18.05 -1.67
C TRP B 18 -9.71 -18.06 -0.26
N GLN B 19 -10.05 -17.06 0.51
CA GLN B 19 -9.44 -16.97 1.84
C GLN B 19 -10.01 -18.04 2.79
N GLY B 20 -11.27 -18.07 3.01
CA GLY B 20 -11.75 -19.15 3.88
C GLY B 20 -11.82 -18.69 5.30
N LEU B 21 -12.83 -19.18 5.96
CA LEU B 21 -13.18 -18.70 7.29
C LEU B 21 -12.83 -19.67 8.38
N SER B 22 -12.26 -19.15 9.48
CA SER B 22 -12.10 -19.91 10.70
C SER B 22 -12.73 -19.11 11.82
N LEU B 23 -13.77 -19.62 12.48
CA LEU B 23 -14.34 -18.84 13.62
C LEU B 23 -13.49 -18.99 14.86
N GLU B 24 -12.55 -19.97 14.90
CA GLU B 24 -11.61 -20.19 15.96
C GLU B 24 -10.24 -19.72 15.54
N MLY B 25 -9.43 -19.12 16.43
CA MLY B 25 -8.07 -18.74 16.13
CB MLY B 25 -7.34 -17.99 17.21
CG MLY B 25 -6.92 -18.74 18.45
CD MLY B 25 -5.99 -17.97 19.39
CE MLY B 25 -5.42 -18.75 20.55
NZ MLY B 25 -4.79 -17.96 21.56
CH1 MLY B 25 -4.62 -18.69 22.81
CH2 MLY B 25 -3.49 -17.47 21.13
C MLY B 25 -7.21 -19.98 15.85
O MLY B 25 -7.46 -21.06 16.38
N TYR B 26 -6.20 -19.81 15.03
CA TYR B 26 -5.30 -20.87 14.64
C TYR B 26 -3.92 -20.24 14.28
N ARG B 27 -2.88 -21.05 14.40
CA ARG B 27 -1.51 -20.64 14.11
C ARG B 27 -1.26 -20.99 12.69
N ASP B 28 -1.02 -20.01 11.84
CA ASP B 28 -0.88 -20.29 10.42
C ASP B 28 0.55 -20.77 10.11
N ARG B 29 0.82 -21.10 8.83
CA ARG B 29 2.11 -21.69 8.39
C ARG B 29 3.35 -20.88 8.73
N GLN B 30 3.25 -19.55 8.92
CA GLN B 30 4.43 -18.77 9.29
C GLN B 30 4.46 -18.41 10.80
N GLY B 31 3.62 -19.05 11.61
CA GLY B 31 3.60 -18.95 13.06
C GLY B 31 2.80 -17.85 13.72
N ASN B 32 1.89 -17.17 12.99
CA ASN B 32 1.12 -16.11 13.60
C ASN B 32 -0.28 -16.60 13.92
N TRP B 33 -0.87 -16.07 14.99
CA TRP B 33 -2.23 -16.39 15.34
C TRP B 33 -3.19 -15.61 14.46
N VAL B 34 -4.09 -16.31 13.78
CA VAL B 34 -5.00 -15.66 12.82
C VAL B 34 -6.42 -16.16 13.13
N ILE B 35 -7.44 -15.39 12.71
CA ILE B 35 -8.86 -15.73 12.92
C ILE B 35 -9.70 -15.13 11.78
N GLY B 36 -10.94 -15.59 11.62
CA GLY B 36 -11.81 -15.03 10.60
C GLY B 36 -11.30 -15.35 9.20
N TYR B 37 -11.32 -14.34 8.35
CA TYR B 37 -10.84 -14.43 6.98
C TYR B 37 -9.36 -13.99 6.96
N GLY B 38 -8.46 -14.77 7.57
CA GLY B 38 -7.03 -14.48 7.56
C GLY B 38 -6.62 -13.25 8.35
N HIS B 39 -7.44 -12.85 9.32
CA HIS B 39 -7.14 -11.67 10.17
C HIS B 39 -6.08 -11.97 11.23
N MSE B 40 -4.89 -11.26 11.19
N MSE B 40 -5.14 -11.02 11.35
CA MSE B 40 -3.83 -11.53 12.18
CA MSE B 40 -4.08 -11.10 12.33
C MSE B 40 -4.20 -10.84 13.49
C MSE B 40 -4.57 -10.78 13.66
O MSE B 40 -4.43 -9.65 13.48
O MSE B 40 -5.17 -9.73 13.87
CB MSE B 40 -2.45 -11.09 11.71
CB MSE B 40 -2.95 -10.13 12.00
CG MSE B 40 -1.33 -11.47 12.65
CG MSE B 40 -2.28 -10.44 10.73
SE MSE B 40 0.37 -10.73 12.08
SE MSE B 40 -1.52 -12.14 10.78
CE MSE B 40 0.45 -9.33 13.40
CE MSE B 40 0.10 -11.62 11.78
N LEU B 41 -4.25 -11.63 14.60
CA LEU B 41 -4.59 -11.21 15.95
C LEU B 41 -3.53 -10.24 16.48
N THR B 42 -4.03 -9.23 17.18
CA THR B 42 -3.24 -8.23 17.91
C THR B 42 -3.24 -8.71 19.36
N PRO B 43 -2.33 -8.24 20.25
CA PRO B 43 -2.36 -8.73 21.66
C PRO B 43 -3.59 -8.25 22.45
N ASP B 44 -4.27 -7.17 22.00
CA ASP B 44 -5.50 -6.69 22.64
C ASP B 44 -6.75 -7.48 22.18
N GLU B 45 -6.63 -8.39 21.19
CA GLU B 45 -7.73 -9.22 20.71
C GLU B 45 -7.61 -10.56 21.47
N THR B 46 -8.30 -10.65 22.58
CA THR B 46 -8.25 -11.77 23.54
C THR B 46 -9.22 -12.91 23.25
N LEU B 47 -10.12 -12.73 22.24
CA LEU B 47 -11.10 -13.75 21.87
C LEU B 47 -10.42 -14.75 21.01
N THR B 48 -10.75 -16.00 21.20
CA THR B 48 -10.23 -17.07 20.41
C THR B 48 -11.38 -17.68 19.63
N PHE B 49 -12.63 -17.13 19.75
CA PHE B 49 -13.82 -17.62 19.04
C PHE B 49 -14.66 -16.43 18.70
N ILE B 50 -15.04 -16.28 17.44
CA ILE B 50 -15.80 -15.10 17.01
C ILE B 50 -17.01 -15.52 16.17
N THR B 51 -17.94 -14.60 15.95
CA THR B 51 -19.12 -14.84 15.12
C THR B 51 -18.80 -14.53 13.67
N PRO B 52 -19.61 -15.00 12.68
CA PRO B 52 -19.36 -14.62 11.30
C PRO B 52 -19.46 -13.11 11.12
N ASP B 53 -20.34 -12.43 11.88
CA ASP B 53 -20.42 -10.98 11.78
C ASP B 53 -19.11 -10.32 12.22
N GLN B 54 -18.49 -10.80 13.30
CA GLN B 54 -17.21 -10.29 13.76
C GLN B 54 -16.11 -10.63 12.70
N ALA B 55 -16.17 -11.81 12.06
CA ALA B 55 -15.21 -12.20 11.02
C ALA B 55 -15.30 -11.20 9.85
N GLU B 56 -16.54 -10.87 9.40
CA GLU B 56 -16.74 -9.90 8.31
C GLU B 56 -16.24 -8.50 8.72
N ALA B 57 -16.45 -8.11 9.99
CA ALA B 57 -16.02 -6.79 10.42
C ALA B 57 -14.48 -6.70 10.39
N PHE B 58 -13.80 -7.77 10.82
CA PHE B 58 -12.32 -7.82 10.76
C PHE B 58 -11.87 -7.75 9.29
N LEU B 59 -12.59 -8.40 8.37
CA LEU B 59 -12.24 -8.36 6.95
C LEU B 59 -12.36 -6.96 6.41
N LEU B 60 -13.41 -6.24 6.79
CA LEU B 60 -13.55 -4.86 6.31
C LEU B 60 -12.48 -3.99 6.93
N ASP B 61 -12.07 -4.26 8.17
CA ASP B 61 -10.92 -3.50 8.73
C ASP B 61 -9.67 -3.75 7.97
N ASP B 62 -9.39 -5.01 7.64
CA ASP B 62 -8.22 -5.39 6.90
C ASP B 62 -8.22 -4.82 5.51
N LEU B 63 -9.35 -4.79 4.82
CA LEU B 63 -9.42 -4.16 3.49
C LEU B 63 -9.26 -2.62 3.62
N ASN B 64 -9.80 -2.02 4.67
CA ASN B 64 -9.61 -0.58 4.95
C ASN B 64 -8.14 -0.26 5.18
N SER B 65 -7.38 -1.17 5.83
CA SER B 65 -5.93 -0.93 5.99
C SER B 65 -5.25 -0.87 4.64
N CYS B 66 -5.68 -1.69 3.70
CA CYS B 66 -5.15 -1.68 2.34
C CYS B 66 -5.62 -0.42 1.61
N ASP B 67 -6.82 0.01 1.88
CA ASP B 67 -7.34 1.24 1.26
C ASP B 67 -6.56 2.47 1.77
N ILE B 68 -6.23 2.48 3.05
CA ILE B 68 -5.45 3.61 3.62
C ILE B 68 -4.10 3.70 2.90
N LEU B 69 -3.46 2.53 2.68
CA LEU B 69 -2.22 2.49 1.93
C LEU B 69 -2.44 3.06 0.57
N LEU B 70 -3.43 2.64 -0.17
CA LEU B 70 -3.64 3.20 -1.49
C LEU B 70 -4.01 4.70 -1.45
N GLN B 71 -4.75 5.17 -0.46
CA GLN B 71 -5.08 6.60 -0.41
C GLN B 71 -3.91 7.47 -0.14
N ASN B 72 -2.90 6.97 0.56
CA ASN B 72 -1.73 7.71 0.82
C ASN B 72 -0.66 7.52 -0.26
N CYS B 73 -0.53 6.32 -0.84
CA CYS B 73 0.55 6.11 -1.80
CA CYS B 73 0.53 5.98 -1.81
C CYS B 73 0.15 6.11 -3.27
N LEU B 74 -1.14 6.15 -3.56
CA LEU B 74 -1.69 6.29 -4.91
C LEU B 74 -2.80 7.35 -4.74
N PRO B 75 -2.52 8.54 -4.16
CA PRO B 75 -3.60 9.49 -3.84
C PRO B 75 -4.45 9.95 -5.00
N GLU B 76 -3.95 9.88 -6.27
CA GLU B 76 -4.70 10.30 -7.44
C GLU B 76 -5.38 9.14 -8.16
N LEU B 77 -5.33 7.91 -7.62
CA LEU B 77 -5.98 6.78 -8.29
C LEU B 77 -7.47 6.97 -8.18
N ASN B 78 -8.13 7.12 -9.32
CA ASN B 78 -9.58 7.28 -9.40
C ASN B 78 -10.20 6.14 -10.25
N ASP B 79 -9.50 5.03 -10.36
CA ASP B 79 -9.99 3.86 -11.10
C ASP B 79 -10.30 2.83 -10.05
N ARG B 80 -11.59 2.65 -9.71
CA ARG B 80 -12.04 1.74 -8.64
C ARG B 80 -11.69 0.32 -8.95
N PHE B 81 -11.75 -0.09 -10.21
CA PHE B 81 -11.35 -1.43 -10.59
C PHE B 81 -9.88 -1.67 -10.24
N GLN B 82 -8.96 -0.77 -10.66
CA GLN B 82 -7.56 -0.92 -10.36
C GLN B 82 -7.34 -0.88 -8.85
N ARG B 83 -8.05 0.02 -8.11
N ARG B 83 -8.06 0.01 -8.12
CA ARG B 83 -7.98 0.03 -6.63
CA ARG B 83 -7.98 0.06 -6.64
C ARG B 83 -8.30 -1.37 -6.09
C ARG B 83 -8.35 -1.30 -6.03
N GLU B 84 -9.43 -1.93 -6.51
CA GLU B 84 -9.85 -3.22 -5.99
C GLU B 84 -8.96 -4.35 -6.36
N THR B 85 -8.43 -4.37 -7.59
CA THR B 85 -7.52 -5.44 -7.98
C THR B 85 -6.20 -5.33 -7.21
N LEU B 86 -5.71 -4.14 -6.94
CA LEU B 86 -4.49 -3.97 -6.11
C LEU B 86 -4.73 -4.47 -4.71
N ILE B 87 -5.89 -4.16 -4.14
CA ILE B 87 -6.25 -4.61 -2.78
C ILE B 87 -6.32 -6.13 -2.77
N ALA B 88 -6.99 -6.76 -3.75
CA ALA B 88 -7.09 -8.22 -3.76
C ALA B 88 -5.73 -8.90 -3.92
N LEU B 89 -4.89 -8.33 -4.78
CA LEU B 89 -3.55 -8.87 -4.99
C LEU B 89 -2.77 -8.78 -3.69
N MSE B 90 -2.77 -7.63 -3.05
CA MSE B 90 -2.05 -7.49 -1.78
C MSE B 90 -2.62 -8.40 -0.68
O MSE B 90 -1.85 -9.01 0.05
CB MSE B 90 -2.05 -6.04 -1.39
CG MSE B 90 -1.15 -5.24 -2.39
SE MSE B 90 -0.91 -3.44 -1.82
CE MSE B 90 -2.61 -2.87 -1.81
N PHE B 91 -3.94 -8.59 -0.61
CA PHE B 91 -4.51 -9.48 0.36
C PHE B 91 -3.98 -10.90 0.06
N SER B 92 -3.95 -11.29 -1.20
CA SER B 92 -3.49 -12.63 -1.52
C SER B 92 -2.01 -12.90 -1.27
N ILE B 93 -1.16 -11.89 -1.37
CA ILE B 93 0.26 -12.03 -1.13
C ILE B 93 0.56 -11.89 0.36
N GLY B 94 -0.25 -11.09 1.08
CA GLY B 94 -0.02 -10.67 2.44
C GLY B 94 -0.63 -11.49 3.52
N HIS B 95 -1.66 -12.23 3.17
CA HIS B 95 -2.30 -13.16 4.08
C HIS B 95 -2.01 -14.58 3.58
N GLN B 96 -1.82 -15.51 4.52
CA GLN B 96 -1.63 -16.92 4.15
C GLN B 96 -3.00 -17.56 3.99
N ARG B 97 -3.08 -18.64 3.22
CA ARG B 97 -4.31 -19.37 3.01
C ARG B 97 -4.64 -20.17 4.24
N PHE B 98 -5.90 -20.57 4.36
CA PHE B 98 -6.35 -21.42 5.47
C PHE B 98 -6.24 -22.89 5.02
N LEU B 99 -7.34 -23.54 4.56
CA LEU B 99 -7.29 -24.94 4.11
C LEU B 99 -8.59 -25.35 3.43
#